data_7GSO
#
_entry.id   7GSO
#
_cell.length_a   89.922
_cell.length_b   89.922
_cell.length_c   106.569
_cell.angle_alpha   90.000
_cell.angle_beta   90.000
_cell.angle_gamma   120.000
#
_symmetry.space_group_name_H-M   'P 31 2 1'
#
loop_
_entity.id
_entity.type
_entity.pdbx_description
1 polymer 'Tyrosine-protein phosphatase non-receptor type 1'
2 non-polymer 2-AMINO-2-HYDROXYMETHYL-PROPANE-1,3-DIOL
3 non-polymer [2-(morpholin-4-yl)-5-(trifluoromethyl)phenyl]methanol
4 water water
#
_entity_poly.entity_id   1
_entity_poly.type   'polypeptide(L)'
_entity_poly.pdbx_seq_one_letter_code
;MEMEKEFEQIDKSGSWAAIYQDIRHEASDFPSRVAKLPKNKNRNRYRDVSPFDHSRIKLHQEDNDYINASLIKMEEAQRS
YILTQGPLPNTVGHFWEMVWEQKSRGVVMLNRVMEKGSLKCAQYWPQKEEKEMIFEDTNLKLTLISEDIKSYYTVRQLEL
ENLTTQETREILHFHYTTWPDFGVPESPASFLNFLFKVRESGSLSPEHGPVVVHCSAGIGRSGTFCLADTCLLLMDKRKD
PSSVDIKKVLLEMRKFRMGLIQTADQLRFSYLAVIEGAKFIMGDSSVQDQWKELSHEDLEPPPEHIPPPPRPPKRILEPH
N
;
_entity_poly.pdbx_strand_id   A
#
loop_
_chem_comp.id
_chem_comp.type
_chem_comp.name
_chem_comp.formula
A1ABA non-polymer [2-(morpholin-4-yl)-5-(trifluoromethyl)phenyl]methanol 'C12 H14 F3 N O2'
TRS non-polymer 2-AMINO-2-HYDROXYMETHYL-PROPANE-1,3-DIOL 'C4 H12 N O3 1'
#
# COMPACT_ATOMS: atom_id res chain seq x y z
N MET A 1 24.22 0.19 13.03
CA MET A 1 24.81 1.47 12.51
C MET A 1 23.68 2.49 12.29
N GLU A 2 23.66 3.58 13.07
CA GLU A 2 22.73 4.72 12.88
C GLU A 2 22.52 4.91 11.36
N MET A 3 21.27 4.81 10.90
CA MET A 3 20.90 4.81 9.46
C MET A 3 21.27 6.16 8.81
N GLU A 4 21.22 7.27 9.56
CA GLU A 4 21.59 8.64 9.11
C GLU A 4 23.06 8.71 8.65
N LYS A 5 23.94 7.92 9.28
CA LYS A 5 25.38 7.85 8.96
C LYS A 5 25.54 6.89 7.77
N GLU A 6 24.89 5.73 7.85
CA GLU A 6 24.80 4.76 6.73
C GLU A 6 24.35 5.54 5.48
N PHE A 7 23.42 6.50 5.64
CA PHE A 7 22.81 7.29 4.54
C PHE A 7 23.89 8.16 3.85
N GLU A 8 24.57 8.96 4.66
CA GLU A 8 25.63 9.90 4.18
C GLU A 8 26.77 9.10 3.53
N GLN A 9 27.15 7.95 4.12
CA GLN A 9 28.18 7.01 3.59
C GLN A 9 27.78 6.47 2.20
N ILE A 10 26.50 6.10 1.99
CA ILE A 10 26.02 5.61 0.65
C ILE A 10 25.97 6.80 -0.33
N ASP A 11 25.53 7.97 0.13
CA ASP A 11 25.34 9.17 -0.73
C ASP A 11 26.72 9.66 -1.20
N LYS A 12 27.67 9.78 -0.27
CA LYS A 12 29.02 10.31 -0.61
C LYS A 12 29.69 9.32 -1.57
N SER A 13 29.49 8.02 -1.38
CA SER A 13 30.08 6.96 -2.23
C SER A 13 29.25 6.74 -3.50
N GLY A 14 28.04 7.31 -3.58
CA GLY A 14 27.06 7.08 -4.66
C GLY A 14 26.85 5.60 -4.95
N SER A 15 26.55 4.78 -3.94
CA SER A 15 26.39 3.31 -4.13
C SER A 15 24.91 2.86 -4.07
N TRP A 16 23.94 3.75 -4.26
CA TRP A 16 22.50 3.39 -4.09
C TRP A 16 22.15 2.19 -4.98
N ALA A 17 22.59 2.19 -6.23
CA ALA A 17 22.31 1.12 -7.21
C ALA A 17 22.90 -0.21 -6.72
N ALA A 18 24.07 -0.17 -6.08
CA ALA A 18 24.75 -1.36 -5.55
C ALA A 18 23.96 -1.94 -4.36
N ILE A 19 23.59 -1.12 -3.37
CA ILE A 19 22.78 -1.58 -2.21
C ILE A 19 21.49 -2.23 -2.75
N TYR A 20 20.83 -1.56 -3.71
CA TYR A 20 19.48 -1.96 -4.19
C TYR A 20 19.62 -3.35 -4.83
N GLN A 21 20.66 -3.55 -5.65
CA GLN A 21 20.83 -4.85 -6.34
C GLN A 21 21.09 -5.96 -5.32
N ASP A 22 21.80 -5.67 -4.22
CA ASP A 22 22.06 -6.66 -3.12
C ASP A 22 20.72 -7.14 -2.52
N ILE A 23 19.81 -6.21 -2.23
CA ILE A 23 18.41 -6.54 -1.79
C ILE A 23 17.73 -7.42 -2.84
N ARG A 24 17.75 -7.03 -4.11
CA ARG A 24 17.10 -7.82 -5.19
C ARG A 24 17.63 -9.26 -5.16
N HIS A 25 18.92 -9.43 -4.94
CA HIS A 25 19.61 -10.75 -4.99
C HIS A 25 19.24 -11.64 -3.79
N GLU A 26 19.09 -11.05 -2.60
CA GLU A 26 18.80 -11.79 -1.35
C GLU A 26 17.29 -11.99 -1.12
N ALA A 27 16.41 -11.37 -1.92
CA ALA A 27 14.95 -11.40 -1.69
C ALA A 27 14.43 -12.82 -1.86
N SER A 28 13.42 -13.17 -1.09
CA SER A 28 12.65 -14.43 -1.15
C SER A 28 12.09 -14.70 -2.54
N ASP A 29 12.01 -15.99 -2.90
CA ASP A 29 11.30 -16.50 -4.10
C ASP A 29 10.42 -17.65 -3.65
N PHE A 30 9.11 -17.46 -3.74
CA PHE A 30 8.08 -18.42 -3.34
C PHE A 30 7.19 -18.60 -4.57
N PRO A 31 6.47 -19.73 -4.69
CA PRO A 31 5.57 -19.95 -5.80
C PRO A 31 4.35 -18.98 -5.81
N SER A 32 3.96 -18.60 -7.04
CA SER A 32 2.72 -17.85 -7.35
C SER A 32 1.89 -18.62 -8.37
N ARG A 33 1.55 -19.88 -8.10
CA ARG A 33 0.90 -20.78 -9.10
C ARG A 33 -0.53 -20.33 -9.38
N VAL A 34 -1.29 -19.90 -8.36
CA VAL A 34 -2.71 -19.49 -8.59
C VAL A 34 -2.73 -18.26 -9.55
N ALA A 35 -1.86 -17.28 -9.35
CA ALA A 35 -1.79 -16.03 -10.16
C ALA A 35 -1.61 -16.38 -11.64
N LYS A 36 -0.88 -17.45 -11.94
CA LYS A 36 -0.48 -17.80 -13.34
C LYS A 36 -1.51 -18.72 -14.00
N LEU A 37 -2.57 -19.18 -13.33
CA LEU A 37 -3.60 -20.04 -13.99
C LEU A 37 -4.23 -19.24 -15.15
N PRO A 38 -4.49 -19.89 -16.30
CA PRO A 38 -5.05 -19.17 -17.43
C PRO A 38 -6.37 -18.45 -17.10
N LYS A 39 -7.23 -19.01 -16.27
CA LYS A 39 -8.53 -18.38 -15.88
C LYS A 39 -8.27 -17.00 -15.21
N ASN A 40 -7.03 -16.67 -14.81
CA ASN A 40 -6.78 -15.44 -13.98
C ASN A 40 -6.03 -14.38 -14.79
N LYS A 41 -5.82 -14.60 -16.10
CA LYS A 41 -4.98 -13.68 -16.87
C LYS A 41 -5.57 -12.25 -16.85
N ASN A 42 -6.87 -12.10 -16.97
CA ASN A 42 -7.48 -10.74 -16.99
C ASN A 42 -7.68 -10.22 -15.56
N ARG A 43 -7.15 -10.86 -14.53
CA ARG A 43 -7.21 -10.36 -13.11
C ARG A 43 -5.85 -9.77 -12.72
N ASN A 44 -4.87 -9.78 -13.61
CA ASN A 44 -3.51 -9.26 -13.34
C ASN A 44 -3.22 -8.09 -14.25
N ARG A 45 -2.78 -6.98 -13.68
CA ARG A 45 -2.43 -5.79 -14.45
C ARG A 45 -1.11 -6.02 -15.15
N TYR A 46 -0.12 -6.61 -14.47
CA TYR A 46 1.26 -6.78 -14.98
C TYR A 46 1.64 -8.26 -14.88
N ARG A 47 2.17 -8.79 -15.97
CA ARG A 47 2.56 -10.22 -16.08
C ARG A 47 3.65 -10.59 -15.07
N ASP A 48 4.50 -9.65 -14.70
CA ASP A 48 5.68 -9.87 -13.82
C ASP A 48 5.40 -9.48 -12.34
N VAL A 49 4.15 -9.18 -11.95
CA VAL A 49 3.84 -8.81 -10.52
C VAL A 49 2.67 -9.68 -10.08
N SER A 50 2.93 -10.66 -9.22
CA SER A 50 1.98 -11.65 -8.74
C SER A 50 2.12 -11.81 -7.23
N PRO A 51 1.01 -12.12 -6.56
CA PRO A 51 1.05 -12.48 -5.14
C PRO A 51 1.60 -13.91 -4.99
N PHE A 52 2.42 -14.14 -3.96
CA PHE A 52 2.80 -15.53 -3.56
C PHE A 52 1.56 -16.27 -3.12
N ASP A 53 1.51 -17.58 -3.41
CA ASP A 53 0.43 -18.45 -2.91
C ASP A 53 0.30 -18.38 -1.38
N HIS A 54 1.39 -18.37 -0.60
CA HIS A 54 1.29 -18.58 0.86
C HIS A 54 0.64 -17.35 1.55
N SER A 55 0.69 -16.18 0.92
CA SER A 55 0.29 -14.89 1.55
C SER A 55 -0.83 -14.19 0.76
N ARG A 56 -1.34 -14.82 -0.29
CA ARG A 56 -2.38 -14.12 -1.13
C ARG A 56 -3.67 -13.97 -0.35
N ILE A 57 -4.43 -12.86 -0.61
CA ILE A 57 -5.78 -12.75 -0.06
C ILE A 57 -6.75 -13.58 -0.90
N LYS A 58 -7.55 -14.42 -0.22
CA LYS A 58 -8.62 -15.19 -0.87
C LYS A 58 -10.01 -14.50 -0.77
N LEU A 59 -10.65 -14.34 -1.92
CA LEU A 59 -12.07 -13.93 -1.96
C LEU A 59 -12.93 -15.08 -1.41
N HIS A 60 -14.00 -14.76 -0.68
CA HIS A 60 -14.94 -15.74 -0.04
C HIS A 60 -16.00 -16.10 -1.08
N GLN A 61 -15.61 -16.81 -2.12
CA GLN A 61 -16.57 -17.36 -3.10
C GLN A 61 -15.97 -18.62 -3.72
N GLU A 62 -16.85 -19.54 -4.11
CA GLU A 62 -16.50 -20.91 -4.56
C GLU A 62 -16.07 -20.85 -6.03
N ASP A 63 -16.67 -19.96 -6.81
CA ASP A 63 -16.38 -19.78 -8.27
C ASP A 63 -14.87 -19.63 -8.47
N ASN A 64 -14.32 -18.45 -8.13
CA ASN A 64 -12.89 -18.12 -8.34
C ASN A 64 -12.48 -17.19 -7.20
N ASP A 65 -11.57 -17.63 -6.32
CA ASP A 65 -11.20 -16.88 -5.09
C ASP A 65 -10.02 -15.95 -5.34
N TYR A 66 -9.63 -15.73 -6.59
CA TYR A 66 -8.34 -15.04 -6.87
C TYR A 66 -8.49 -13.49 -6.97
N ILE A 67 -7.57 -12.78 -6.31
CA ILE A 67 -7.31 -11.32 -6.50
C ILE A 67 -5.81 -11.10 -6.38
N ASN A 68 -5.29 -10.18 -7.15
CA ASN A 68 -3.89 -9.77 -7.02
C ASN A 68 -3.70 -8.86 -5.78
N ALA A 69 -3.50 -9.48 -4.61
CA ALA A 69 -3.41 -8.83 -3.30
C ALA A 69 -2.67 -9.80 -2.31
N SER A 70 -1.87 -9.22 -1.44
CA SER A 70 -1.03 -9.95 -0.45
C SER A 70 -1.23 -9.41 0.97
N LEU A 71 -1.19 -10.31 1.98
CA LEU A 71 -1.18 -9.90 3.41
C LEU A 71 0.24 -9.78 3.90
N ILE A 72 0.70 -8.57 4.26
CA ILE A 72 2.03 -8.32 4.84
C ILE A 72 1.83 -8.30 6.38
N LYS A 73 2.32 -9.32 7.12
CA LYS A 73 2.10 -9.40 8.58
C LYS A 73 3.40 -9.15 9.34
N MET A 74 3.55 -7.97 10.00
CA MET A 74 4.83 -7.57 10.64
C MET A 74 4.73 -7.91 12.14
N GLU A 75 5.32 -9.03 12.54
CA GLU A 75 5.10 -9.67 13.86
C GLU A 75 5.60 -8.76 14.98
N GLU A 76 6.83 -8.26 14.92
CA GLU A 76 7.40 -7.41 16.00
C GLU A 76 6.72 -6.04 16.07
N ALA A 77 6.44 -5.41 14.92
CA ALA A 77 5.77 -4.10 14.92
C ALA A 77 4.29 -4.24 15.27
N GLN A 78 3.67 -5.43 15.18
CA GLN A 78 2.22 -5.61 15.44
C GLN A 78 1.40 -4.76 14.45
N ARG A 79 1.77 -4.77 13.18
CA ARG A 79 0.99 -4.11 12.09
C ARG A 79 0.74 -5.10 10.96
N SER A 80 -0.43 -5.05 10.33
CA SER A 80 -0.71 -5.84 9.10
C SER A 80 -1.17 -4.85 7.99
N TYR A 81 -0.79 -5.15 6.76
CA TYR A 81 -1.23 -4.35 5.58
C TYR A 81 -1.66 -5.32 4.50
N ILE A 82 -2.67 -4.94 3.71
CA ILE A 82 -2.93 -5.63 2.42
C ILE A 82 -2.37 -4.74 1.32
N LEU A 83 -1.44 -5.26 0.51
CA LEU A 83 -0.92 -4.52 -0.65
C LEU A 83 -1.51 -5.11 -1.92
N THR A 84 -2.08 -4.27 -2.80
CA THR A 84 -2.81 -4.76 -3.99
C THR A 84 -2.50 -3.84 -5.19
N GLN A 85 -2.75 -4.35 -6.39
CA GLN A 85 -2.61 -3.55 -7.63
C GLN A 85 -3.77 -2.54 -7.68
N GLY A 86 -3.63 -1.50 -8.49
CA GLY A 86 -4.76 -0.66 -8.86
C GLY A 86 -5.82 -1.53 -9.56
N PRO A 87 -7.08 -1.46 -9.15
CA PRO A 87 -8.11 -2.29 -9.72
C PRO A 87 -8.28 -2.06 -11.24
N LEU A 88 -8.61 -3.15 -11.93
CA LEU A 88 -8.89 -3.19 -13.38
C LEU A 88 -10.41 -3.09 -13.60
N PRO A 89 -10.83 -2.78 -14.85
CA PRO A 89 -12.25 -2.71 -15.16
C PRO A 89 -13.00 -3.96 -14.72
N ASN A 90 -12.40 -5.14 -14.91
CA ASN A 90 -13.14 -6.36 -14.50
C ASN A 90 -12.83 -6.80 -13.05
N THR A 91 -12.02 -6.09 -12.25
CA THR A 91 -11.81 -6.46 -10.82
C THR A 91 -12.27 -5.38 -9.83
N VAL A 92 -13.03 -4.36 -10.25
CA VAL A 92 -13.46 -3.35 -9.25
C VAL A 92 -14.42 -4.00 -8.24
N GLY A 93 -15.29 -4.93 -8.67
CA GLY A 93 -16.20 -5.63 -7.74
C GLY A 93 -15.47 -6.54 -6.76
N HIS A 94 -14.43 -7.24 -7.24
CA HIS A 94 -13.53 -8.08 -6.38
C HIS A 94 -12.86 -7.20 -5.31
N PHE A 95 -12.33 -6.04 -5.71
CA PHE A 95 -11.64 -5.09 -4.84
C PHE A 95 -12.54 -4.77 -3.62
N TRP A 96 -13.81 -4.34 -3.87
CA TRP A 96 -14.70 -3.92 -2.79
C TRP A 96 -15.17 -5.15 -1.97
N GLU A 97 -15.28 -6.31 -2.60
CA GLU A 97 -15.58 -7.58 -1.89
C GLU A 97 -14.47 -7.84 -0.86
N MET A 98 -13.20 -7.69 -1.25
CA MET A 98 -12.05 -7.86 -0.36
C MET A 98 -12.12 -6.88 0.80
N VAL A 99 -12.32 -5.58 0.54
CA VAL A 99 -12.42 -4.59 1.64
C VAL A 99 -13.50 -5.03 2.65
N TRP A 100 -14.64 -5.47 2.15
CA TRP A 100 -15.80 -5.93 2.95
C TRP A 100 -15.37 -7.15 3.80
N GLU A 101 -14.89 -8.18 3.12
CA GLU A 101 -14.57 -9.50 3.78
C GLU A 101 -13.44 -9.36 4.78
N GLN A 102 -12.44 -8.49 4.57
CA GLN A 102 -11.27 -8.36 5.45
C GLN A 102 -11.52 -7.36 6.58
N LYS A 103 -12.65 -6.63 6.58
CA LYS A 103 -13.07 -5.67 7.63
C LYS A 103 -12.19 -4.44 7.70
N SER A 104 -11.64 -4.03 6.55
CA SER A 104 -10.77 -2.88 6.47
C SER A 104 -11.60 -1.60 6.79
N ARG A 105 -10.96 -0.63 7.39
CA ARG A 105 -11.53 0.72 7.69
C ARG A 105 -11.07 1.71 6.63
N GLY A 106 -9.87 1.55 6.08
CA GLY A 106 -9.15 2.54 5.25
C GLY A 106 -8.67 1.94 3.95
N VAL A 107 -8.70 2.72 2.87
CA VAL A 107 -8.01 2.42 1.57
C VAL A 107 -7.05 3.56 1.34
N VAL A 108 -5.80 3.26 1.08
CA VAL A 108 -4.71 4.22 0.79
C VAL A 108 -4.33 4.10 -0.71
N MET A 109 -4.52 5.18 -1.48
CA MET A 109 -4.26 5.25 -2.94
C MET A 109 -3.08 6.22 -3.20
N LEU A 110 -1.98 5.74 -3.82
CA LEU A 110 -0.77 6.55 -3.98
C LEU A 110 -0.54 6.97 -5.45
N ASN A 111 -1.52 6.78 -6.30
CA ASN A 111 -1.39 7.10 -7.75
C ASN A 111 -2.57 7.95 -8.19
N ARG A 112 -2.44 8.57 -9.37
CA ARG A 112 -3.59 9.19 -10.08
C ARG A 112 -4.14 8.15 -11.07
N VAL A 113 -5.44 8.27 -11.39
CA VAL A 113 -6.12 7.38 -12.35
C VAL A 113 -5.40 7.46 -13.72
N MET A 114 -5.00 8.67 -14.15
CA MET A 114 -4.16 8.81 -15.35
C MET A 114 -2.80 9.39 -14.98
N GLU A 115 -1.71 8.73 -15.42
CA GLU A 115 -0.33 9.29 -15.26
C GLU A 115 0.43 8.99 -16.56
N LYS A 116 1.32 9.89 -16.97
CA LYS A 116 2.13 9.69 -18.21
C LYS A 116 1.19 9.46 -19.43
N GLY A 117 -0.02 10.03 -19.41
CA GLY A 117 -1.01 9.88 -20.51
C GLY A 117 -1.64 8.52 -20.68
N SER A 118 -1.56 7.63 -19.69
CA SER A 118 -2.13 6.26 -19.77
C SER A 118 -2.94 5.96 -18.51
N LEU A 119 -3.82 4.99 -18.58
CA LEU A 119 -4.66 4.69 -17.38
C LEU A 119 -3.86 3.78 -16.42
N LYS A 120 -3.69 4.20 -15.18
CA LYS A 120 -2.96 3.41 -14.16
C LYS A 120 -3.90 2.62 -13.23
N CYS A 121 -5.20 2.95 -13.18
CA CYS A 121 -6.23 2.15 -12.48
C CYS A 121 -7.62 2.65 -12.82
N ALA A 122 -8.61 1.80 -12.63
CA ALA A 122 -10.01 2.09 -12.95
C ALA A 122 -10.51 3.22 -12.03
N GLN A 123 -11.51 3.97 -12.49
CA GLN A 123 -12.23 4.94 -11.63
C GLN A 123 -13.16 4.12 -10.74
N TYR A 124 -12.71 3.66 -9.54
CA TYR A 124 -13.38 2.58 -8.79
C TYR A 124 -14.24 3.12 -7.65
N TRP A 125 -14.31 4.47 -7.50
CA TRP A 125 -15.15 5.10 -6.45
C TRP A 125 -15.99 6.21 -7.12
N PRO A 126 -17.16 6.56 -6.53
CA PRO A 126 -18.04 7.60 -7.12
C PRO A 126 -17.54 9.02 -6.86
N GLN A 127 -17.76 9.89 -7.86
CA GLN A 127 -17.19 11.25 -7.84
C GLN A 127 -18.27 12.27 -7.39
N LYS A 128 -19.52 11.87 -7.39
CA LYS A 128 -20.66 12.73 -6.97
C LYS A 128 -21.56 11.99 -6.01
N GLU A 129 -21.98 12.69 -4.97
CA GLU A 129 -22.88 12.16 -3.93
C GLU A 129 -24.07 11.47 -4.57
N GLU A 130 -24.74 12.14 -5.52
CA GLU A 130 -26.04 11.62 -6.01
C GLU A 130 -25.89 10.57 -7.11
N LYS A 131 -24.67 10.17 -7.45
CA LYS A 131 -24.42 9.10 -8.48
C LYS A 131 -23.62 7.93 -7.84
N GLU A 132 -24.30 7.10 -7.10
CA GLU A 132 -23.67 5.98 -6.40
C GLU A 132 -23.27 4.91 -7.43
N MET A 133 -22.46 3.92 -7.00
CA MET A 133 -21.97 2.82 -7.87
C MET A 133 -22.51 1.53 -7.29
N ILE A 134 -22.99 0.68 -8.17
CA ILE A 134 -23.43 -0.69 -7.82
C ILE A 134 -22.50 -1.68 -8.57
N PHE A 135 -21.99 -2.68 -7.86
CA PHE A 135 -21.12 -3.77 -8.37
C PHE A 135 -21.99 -5.03 -8.37
N GLU A 136 -22.58 -5.37 -9.52
CA GLU A 136 -23.63 -6.44 -9.58
C GLU A 136 -22.98 -7.81 -9.37
N ASP A 137 -21.76 -8.00 -9.86
CA ASP A 137 -21.04 -9.30 -9.73
C ASP A 137 -20.83 -9.66 -8.24
N THR A 138 -20.57 -8.71 -7.32
CA THR A 138 -20.33 -8.99 -5.88
C THR A 138 -21.46 -8.48 -4.94
N ASN A 139 -22.52 -7.89 -5.49
CA ASN A 139 -23.70 -7.41 -4.70
C ASN A 139 -23.32 -6.35 -3.67
N LEU A 140 -22.59 -5.29 -4.09
CA LEU A 140 -22.20 -4.16 -3.20
C LEU A 140 -22.68 -2.84 -3.79
N LYS A 141 -22.97 -1.88 -2.91
CA LYS A 141 -23.25 -0.48 -3.30
C LYS A 141 -22.29 0.43 -2.57
N LEU A 142 -21.79 1.44 -3.27
CA LEU A 142 -20.77 2.38 -2.76
C LEU A 142 -21.27 3.81 -3.05
N THR A 143 -21.34 4.63 -2.03
CA THR A 143 -21.81 6.05 -2.08
C THR A 143 -20.76 6.99 -1.55
N LEU A 144 -20.53 8.09 -2.25
CA LEU A 144 -19.68 9.18 -1.76
C LEU A 144 -20.45 9.98 -0.71
N ILE A 145 -19.90 10.10 0.50
CA ILE A 145 -20.55 10.82 1.64
C ILE A 145 -19.99 12.23 1.72
N SER A 146 -18.70 12.42 1.63
CA SER A 146 -18.03 13.73 1.74
C SER A 146 -16.64 13.60 1.17
N GLU A 147 -16.05 14.73 0.83
CA GLU A 147 -14.72 14.82 0.18
C GLU A 147 -14.03 16.05 0.79
N ASP A 148 -12.79 15.92 1.27
CA ASP A 148 -11.95 17.04 1.77
C ASP A 148 -10.71 17.13 0.88
N ILE A 149 -10.64 18.13 -0.03
CA ILE A 149 -9.51 18.29 -0.99
C ILE A 149 -8.46 19.23 -0.41
N LYS A 150 -7.24 18.76 -0.21
CA LYS A 150 -6.10 19.56 0.30
C LYS A 150 -5.06 19.63 -0.78
N SER A 151 -3.98 20.36 -0.54
CA SER A 151 -2.95 20.63 -1.58
C SER A 151 -2.23 19.35 -1.98
N TYR A 152 -1.97 18.41 -1.07
CA TYR A 152 -1.09 17.25 -1.38
C TYR A 152 -1.89 15.92 -1.36
N TYR A 153 -3.09 15.93 -0.84
CA TYR A 153 -3.95 14.72 -0.67
C TYR A 153 -5.40 15.14 -0.52
N THR A 154 -6.28 14.18 -0.79
CA THR A 154 -7.74 14.23 -0.62
C THR A 154 -8.17 13.09 0.30
N VAL A 155 -9.04 13.38 1.26
CA VAL A 155 -9.71 12.36 2.09
C VAL A 155 -11.19 12.31 1.77
N ARG A 156 -11.66 11.12 1.53
CA ARG A 156 -13.09 10.88 1.22
C ARG A 156 -13.72 9.97 2.26
N GLN A 157 -14.97 10.27 2.64
CA GLN A 157 -15.82 9.35 3.41
C GLN A 157 -16.75 8.62 2.45
N LEU A 158 -16.70 7.27 2.44
CA LEU A 158 -17.52 6.41 1.57
C LEU A 158 -18.43 5.52 2.42
N GLU A 159 -19.60 5.18 1.92
CA GLU A 159 -20.49 4.18 2.56
C GLU A 159 -20.55 2.93 1.69
N LEU A 160 -20.09 1.80 2.23
CA LEU A 160 -20.17 0.51 1.51
C LEU A 160 -21.30 -0.31 2.13
N GLU A 161 -22.21 -0.76 1.28
CA GLU A 161 -23.39 -1.55 1.66
C GLU A 161 -23.32 -2.92 1.04
N ASN A 162 -23.41 -3.94 1.89
CA ASN A 162 -23.56 -5.34 1.46
C ASN A 162 -25.05 -5.56 1.13
N LEU A 163 -25.38 -5.64 -0.17
CA LEU A 163 -26.81 -5.57 -0.62
C LEU A 163 -27.52 -6.85 -0.18
N THR A 164 -26.76 -7.89 0.17
CA THR A 164 -27.27 -9.21 0.59
C THR A 164 -27.86 -9.14 2.01
N THR A 165 -27.25 -8.38 2.93
CA THR A 165 -27.61 -8.29 4.36
C THR A 165 -28.10 -6.89 4.75
N GLN A 166 -27.92 -5.91 3.87
CA GLN A 166 -28.26 -4.48 4.12
C GLN A 166 -27.41 -3.94 5.28
N GLU A 167 -26.31 -4.61 5.65
CA GLU A 167 -25.33 -3.97 6.56
C GLU A 167 -24.57 -2.89 5.78
N THR A 168 -24.16 -1.83 6.46
CA THR A 168 -23.34 -0.72 5.91
C THR A 168 -22.12 -0.53 6.80
N ARG A 169 -21.07 0.02 6.23
CA ARG A 169 -19.87 0.46 6.95
C ARG A 169 -19.35 1.72 6.31
N GLU A 170 -18.72 2.53 7.12
CA GLU A 170 -17.97 3.72 6.71
C GLU A 170 -16.53 3.30 6.35
N ILE A 171 -16.11 3.55 5.11
CA ILE A 171 -14.70 3.39 4.63
C ILE A 171 -14.07 4.76 4.41
N LEU A 172 -12.88 4.99 4.91
CA LEU A 172 -12.13 6.22 4.62
C LEU A 172 -11.16 5.99 3.43
N HIS A 173 -11.20 6.85 2.44
CA HIS A 173 -10.30 6.83 1.25
C HIS A 173 -9.24 7.91 1.37
N PHE A 174 -7.97 7.54 1.55
CA PHE A 174 -6.82 8.45 1.68
C PHE A 174 -6.07 8.45 0.37
N HIS A 175 -6.20 9.55 -0.40
CA HIS A 175 -5.66 9.67 -1.77
C HIS A 175 -4.51 10.64 -1.84
N TYR A 176 -3.28 10.17 -1.93
CA TYR A 176 -2.07 10.99 -2.11
C TYR A 176 -1.97 11.35 -3.60
N THR A 177 -2.15 12.63 -3.96
CA THR A 177 -2.40 13.05 -5.37
C THR A 177 -1.20 13.73 -6.03
N THR A 178 -0.06 13.89 -5.36
CA THR A 178 1.07 14.72 -5.84
C THR A 178 2.36 13.94 -6.01
N TRP A 179 2.34 12.59 -6.00
CA TRP A 179 3.59 11.86 -6.33
C TRP A 179 3.91 12.19 -7.80
N PRO A 180 5.14 12.62 -8.13
CA PRO A 180 5.44 13.01 -9.53
C PRO A 180 5.42 11.86 -10.53
N ASP A 181 5.06 12.16 -11.80
CA ASP A 181 4.98 11.12 -12.87
C ASP A 181 6.34 10.41 -12.99
N PHE A 182 7.49 11.09 -12.86
CA PHE A 182 8.86 10.47 -12.88
C PHE A 182 9.61 10.71 -11.56
N GLY A 183 10.44 9.76 -11.16
CA GLY A 183 11.22 9.86 -9.92
C GLY A 183 10.39 9.84 -8.62
N VAL A 184 10.92 10.46 -7.57
CA VAL A 184 10.35 10.46 -6.17
C VAL A 184 10.26 11.91 -5.74
N PRO A 185 9.46 12.25 -4.70
CA PRO A 185 9.39 13.64 -4.24
C PRO A 185 10.77 14.12 -3.73
N GLU A 186 11.03 15.41 -3.87
CA GLU A 186 12.33 16.02 -3.45
C GLU A 186 12.47 16.02 -1.92
N SER A 187 11.39 16.32 -1.21
CA SER A 187 11.28 16.29 0.28
C SER A 187 10.23 15.25 0.70
N PRO A 188 10.43 14.52 1.83
CA PRO A 188 9.44 13.56 2.29
C PRO A 188 8.39 14.18 3.19
N ALA A 189 8.43 15.50 3.35
CA ALA A 189 7.57 16.20 4.33
C ALA A 189 6.11 15.92 4.03
N SER A 190 5.67 16.08 2.78
CA SER A 190 4.22 15.93 2.50
C SER A 190 3.80 14.45 2.60
N PHE A 191 4.66 13.52 2.22
CA PHE A 191 4.40 12.05 2.37
C PHE A 191 4.23 11.66 3.87
N LEU A 192 5.12 12.15 4.72
CA LEU A 192 5.05 11.89 6.20
C LEU A 192 3.78 12.54 6.77
N ASN A 193 3.47 13.78 6.39
CA ASN A 193 2.20 14.43 6.82
C ASN A 193 1.02 13.50 6.48
N PHE A 194 1.04 12.90 5.30
CA PHE A 194 -0.04 12.03 4.81
C PHE A 194 -0.13 10.75 5.66
N LEU A 195 1.00 10.11 5.94
CA LEU A 195 1.02 8.88 6.80
C LEU A 195 0.41 9.27 8.15
N PHE A 196 0.89 10.38 8.72
CA PHE A 196 0.40 10.94 10.02
C PHE A 196 -1.14 10.95 10.00
N LYS A 197 -1.73 11.42 8.89
CA LYS A 197 -3.21 11.53 8.74
C LYS A 197 -3.87 10.17 8.70
N VAL A 198 -3.25 9.20 7.98
CA VAL A 198 -3.86 7.85 7.95
C VAL A 198 -3.81 7.27 9.39
N ARG A 199 -2.69 7.43 10.05
CA ARG A 199 -2.57 6.85 11.44
C ARG A 199 -3.63 7.45 12.36
N GLU A 200 -3.78 8.79 12.29
CA GLU A 200 -4.72 9.51 13.19
C GLU A 200 -6.15 9.04 13.00
N SER A 201 -6.49 8.54 11.80
CA SER A 201 -7.87 8.06 11.48
C SER A 201 -8.28 6.77 12.18
N GLY A 202 -7.34 5.98 12.72
CA GLY A 202 -7.68 4.65 13.23
C GLY A 202 -7.53 3.54 12.19
N SER A 203 -7.25 3.90 10.94
CA SER A 203 -7.28 2.90 9.82
C SER A 203 -6.20 1.83 9.98
N LEU A 204 -5.12 2.14 10.72
CA LEU A 204 -3.94 1.23 10.84
C LEU A 204 -4.00 0.45 12.14
N SER A 205 -5.06 0.62 12.90
CA SER A 205 -5.11 0.16 14.30
C SER A 205 -5.69 -1.26 14.38
N PRO A 206 -5.33 -2.03 15.43
CA PRO A 206 -5.72 -3.44 15.50
C PRO A 206 -7.20 -3.72 15.72
N GLU A 207 -7.99 -2.71 16.06
CA GLU A 207 -9.44 -2.94 16.18
C GLU A 207 -10.12 -3.07 14.80
N HIS A 208 -9.43 -2.79 13.69
CA HIS A 208 -9.98 -2.93 12.32
C HIS A 208 -9.21 -4.05 11.60
N GLY A 209 -9.77 -4.57 10.52
CA GLY A 209 -9.03 -5.34 9.50
C GLY A 209 -7.86 -4.53 8.94
N PRO A 210 -6.92 -5.19 8.20
CA PRO A 210 -5.76 -4.48 7.68
C PRO A 210 -6.19 -3.37 6.70
N VAL A 211 -5.46 -2.28 6.72
CA VAL A 211 -5.54 -1.22 5.68
C VAL A 211 -5.29 -1.86 4.28
N VAL A 212 -6.03 -1.41 3.26
CA VAL A 212 -5.72 -1.78 1.84
C VAL A 212 -4.88 -0.68 1.25
N VAL A 213 -3.66 -0.97 0.75
CA VAL A 213 -2.76 0.01 0.15
C VAL A 213 -2.51 -0.34 -1.31
N HIS A 214 -2.62 0.64 -2.22
CA HIS A 214 -2.34 0.37 -3.66
C HIS A 214 -1.68 1.56 -4.36
N CYS A 215 -0.98 1.23 -5.44
CA CYS A 215 -0.56 2.22 -6.46
C CYS A 215 -0.98 1.65 -7.82
N SER A 216 -0.13 1.64 -8.84
CA SER A 216 -0.52 0.90 -10.06
C SER A 216 -0.23 -0.62 -9.93
N ALA A 217 1.02 -1.00 -9.62
CA ALA A 217 1.38 -2.44 -9.45
C ALA A 217 1.23 -2.90 -8.00
N GLY A 218 1.14 -1.98 -7.04
CA GLY A 218 1.08 -2.33 -5.62
C GLY A 218 2.41 -2.88 -5.06
N ILE A 219 3.54 -2.38 -5.52
CA ILE A 219 4.88 -2.79 -4.96
C ILE A 219 5.80 -1.60 -4.73
N GLY A 220 5.73 -0.54 -5.54
CA GLY A 220 6.71 0.54 -5.47
C GLY A 220 6.35 1.63 -4.46
N ARG A 221 5.51 2.60 -4.82
CA ARG A 221 5.01 3.57 -3.82
C ARG A 221 4.34 2.86 -2.63
N SER A 222 3.57 1.82 -2.89
CA SER A 222 2.90 1.02 -1.83
C SER A 222 3.94 0.46 -0.85
N GLY A 223 5.04 -0.09 -1.38
CA GLY A 223 6.20 -0.57 -0.59
C GLY A 223 6.76 0.52 0.30
N THR A 224 6.91 1.71 -0.23
CA THR A 224 7.49 2.87 0.49
C THR A 224 6.62 3.25 1.69
N PHE A 225 5.31 3.27 1.51
CA PHE A 225 4.33 3.58 2.58
C PHE A 225 4.47 2.58 3.76
N CYS A 226 4.38 1.27 3.49
CA CYS A 226 4.41 0.27 4.62
C CYS A 226 5.79 0.19 5.26
N LEU A 227 6.87 0.32 4.49
CA LEU A 227 8.25 0.26 5.01
C LEU A 227 8.47 1.45 5.97
N ALA A 228 8.07 2.66 5.57
CA ALA A 228 8.27 3.84 6.43
C ALA A 228 7.45 3.68 7.71
N ASP A 229 6.18 3.32 7.61
CA ASP A 229 5.30 3.17 8.80
C ASP A 229 5.94 2.15 9.79
N THR A 230 6.28 0.95 9.31
CA THR A 230 6.80 -0.15 10.19
C THR A 230 8.12 0.31 10.82
N CYS A 231 9.00 0.96 10.08
CA CYS A 231 10.34 1.34 10.62
C CYS A 231 10.16 2.37 11.79
N LEU A 232 9.26 3.33 11.60
CA LEU A 232 8.97 4.39 12.61
C LEU A 232 8.31 3.76 13.85
N LEU A 233 7.43 2.78 13.66
CA LEU A 233 6.77 2.08 14.80
C LEU A 233 7.85 1.32 15.59
N LEU A 234 8.77 0.63 14.90
CA LEU A 234 9.86 -0.13 15.59
C LEU A 234 10.79 0.84 16.36
N MET A 235 11.05 2.04 15.83
CA MET A 235 11.93 3.02 16.51
C MET A 235 11.26 3.53 17.79
N ASP A 236 9.93 3.57 17.85
CA ASP A 236 9.11 3.91 19.04
C ASP A 236 9.10 2.82 20.14
N LYS A 237 9.13 1.55 19.72
CA LYS A 237 8.91 0.37 20.60
C LYS A 237 10.24 -0.04 21.26
N ARG A 238 11.37 0.18 20.59
CA ARG A 238 12.71 -0.37 21.00
C ARG A 238 13.45 0.59 21.94
N LYS A 239 14.30 0.05 22.81
CA LYS A 239 15.18 0.82 23.73
C LYS A 239 16.30 1.48 22.92
N ASP A 240 16.83 0.77 21.93
CA ASP A 240 17.91 1.29 21.04
C ASP A 240 17.33 1.52 19.65
N PRO A 241 16.61 2.64 19.44
CA PRO A 241 16.07 2.97 18.11
C PRO A 241 17.08 2.89 16.97
N SER A 242 18.37 3.02 17.28
CA SER A 242 19.47 2.93 16.29
C SER A 242 19.64 1.48 15.80
N SER A 243 19.05 0.47 16.45
CA SER A 243 19.07 -0.95 16.03
C SER A 243 18.11 -1.21 14.85
N VAL A 244 17.33 -0.21 14.41
CA VAL A 244 16.34 -0.49 13.32
C VAL A 244 17.11 -0.51 12.00
N ASP A 245 17.10 -1.63 11.31
CA ASP A 245 17.85 -1.84 10.05
C ASP A 245 16.84 -1.88 8.89
N ILE A 246 16.75 -0.79 8.14
CA ILE A 246 15.68 -0.63 7.11
C ILE A 246 15.82 -1.72 6.03
N LYS A 247 17.04 -2.11 5.67
CA LYS A 247 17.27 -3.16 4.66
C LYS A 247 16.73 -4.49 5.19
N LYS A 248 16.95 -4.80 6.48
CA LYS A 248 16.41 -6.05 7.04
C LYS A 248 14.89 -6.01 7.16
N VAL A 249 14.30 -4.88 7.48
CA VAL A 249 12.80 -4.78 7.50
C VAL A 249 12.24 -5.01 6.08
N LEU A 250 12.85 -4.41 5.08
CA LEU A 250 12.40 -4.55 3.65
C LEU A 250 12.52 -6.01 3.25
N LEU A 251 13.61 -6.69 3.59
CA LEU A 251 13.69 -8.13 3.24
C LEU A 251 12.63 -8.98 3.97
N GLU A 252 12.27 -8.64 5.21
CA GLU A 252 11.19 -9.33 5.93
C GLU A 252 9.88 -9.09 5.13
N MET A 253 9.59 -7.85 4.74
CA MET A 253 8.34 -7.55 3.99
C MET A 253 8.28 -8.29 2.63
N ARG A 254 9.43 -8.45 1.97
CA ARG A 254 9.56 -9.19 0.69
C ARG A 254 9.35 -10.68 0.86
N LYS A 255 9.29 -11.22 2.09
CA LYS A 255 8.81 -12.60 2.25
C LYS A 255 7.34 -12.69 1.87
N PHE A 256 6.57 -11.55 1.92
CA PHE A 256 5.10 -11.62 1.77
C PHE A 256 4.60 -11.09 0.41
N ARG A 257 5.35 -10.23 -0.24
CA ARG A 257 5.03 -9.77 -1.63
C ARG A 257 6.31 -9.44 -2.35
N MET A 258 6.44 -9.92 -3.60
CA MET A 258 7.64 -9.68 -4.42
C MET A 258 7.82 -8.21 -4.77
N GLY A 259 9.07 -7.76 -4.91
CA GLY A 259 9.35 -6.52 -5.69
C GLY A 259 9.18 -5.22 -4.92
N LEU A 260 8.86 -5.25 -3.62
CA LEU A 260 8.59 -4.03 -2.83
C LEU A 260 9.81 -3.10 -2.89
N ILE A 261 9.59 -1.85 -3.31
CA ILE A 261 10.61 -0.83 -3.61
C ILE A 261 11.18 -1.18 -5.00
N GLN A 262 10.81 -0.42 -6.01
CA GLN A 262 11.05 -0.77 -7.45
C GLN A 262 12.35 -0.18 -8.00
N THR A 263 12.94 0.82 -7.34
CA THR A 263 14.12 1.57 -7.86
C THR A 263 15.05 1.92 -6.70
N ALA A 264 16.33 2.19 -7.02
CA ALA A 264 17.32 2.76 -6.07
C ALA A 264 16.85 4.12 -5.55
N ASP A 265 16.18 4.95 -6.35
CA ASP A 265 15.65 6.25 -5.87
C ASP A 265 14.54 6.06 -4.84
N GLN A 266 13.62 5.08 -5.02
CA GLN A 266 12.58 4.75 -4.00
C GLN A 266 13.28 4.26 -2.69
N LEU A 267 14.37 3.50 -2.79
CA LEU A 267 15.10 3.04 -1.58
C LEU A 267 15.65 4.26 -0.82
N ARG A 268 16.35 5.15 -1.53
CA ARG A 268 16.88 6.40 -0.90
C ARG A 268 15.76 7.25 -0.31
N PHE A 269 14.63 7.43 -1.01
CA PHE A 269 13.49 8.20 -0.49
C PHE A 269 12.97 7.56 0.82
N SER A 270 12.92 6.24 0.91
CA SER A 270 12.41 5.51 2.11
C SER A 270 13.35 5.83 3.29
N TYR A 271 14.66 5.74 3.08
CA TYR A 271 15.65 6.17 4.12
C TYR A 271 15.37 7.61 4.55
N LEU A 272 15.23 8.52 3.58
CA LEU A 272 15.00 9.96 3.92
C LEU A 272 13.76 10.12 4.76
N ALA A 273 12.65 9.46 4.37
CA ALA A 273 11.37 9.55 5.09
C ALA A 273 11.54 9.07 6.55
N VAL A 274 12.20 7.94 6.76
CA VAL A 274 12.34 7.39 8.14
C VAL A 274 13.23 8.33 8.98
N ILE A 275 14.33 8.79 8.40
CA ILE A 275 15.28 9.71 9.13
C ILE A 275 14.54 10.97 9.57
N GLU A 276 13.78 11.58 8.65
CA GLU A 276 13.00 12.81 8.95
C GLU A 276 11.89 12.45 9.94
N GLY A 277 11.16 11.37 9.67
CA GLY A 277 10.02 10.94 10.50
C GLY A 277 10.41 10.81 11.97
N ALA A 278 11.47 10.06 12.27
CA ALA A 278 11.92 9.78 13.65
C ALA A 278 12.12 11.11 14.38
N LYS A 279 12.67 12.10 13.68
CA LYS A 279 12.84 13.48 14.23
C LYS A 279 11.52 13.92 14.86
N PHE A 280 10.41 13.84 14.10
CA PHE A 280 9.04 14.18 14.56
C PHE A 280 8.60 13.21 15.67
N ILE A 281 9.35 12.12 15.89
CA ILE A 281 8.99 11.03 16.86
C ILE A 281 9.79 11.22 18.15
N MET A 282 11.08 11.54 18.06
CA MET A 282 11.99 11.64 19.23
C MET A 282 11.79 13.02 19.88
N GLY A 283 10.59 13.27 20.40
CA GLY A 283 10.24 14.48 21.17
C GLY A 283 9.84 15.65 20.29
N ASP A 284 10.25 15.63 19.01
CA ASP A 284 10.04 16.73 18.04
C ASP A 284 8.95 16.32 17.04
C TRS B . 1.34 -18.16 6.37
C1 TRS B . 2.26 -17.47 5.36
C2 TRS B . 1.93 -18.20 7.78
C3 TRS B . 1.05 -19.56 5.90
N TRS B . -0.04 -17.52 6.37
O1 TRS B . 1.91 -16.10 5.14
O2 TRS B . 2.91 -17.18 7.97
O3 TRS B . 0.53 -19.63 4.52
H11 TRS B . 2.22 -17.96 4.50
H12 TRS B . 3.19 -17.52 5.67
H21 TRS B . 2.33 -19.08 7.95
H22 TRS B . 1.21 -18.07 8.43
H31 TRS B . 0.41 -19.97 6.52
H32 TRS B . 1.88 -20.08 5.96
HN1 TRS B . -0.70 -18.14 6.36
HN2 TRS B . -0.15 -16.98 5.65
HN3 TRS B . -0.15 -17.01 7.12
HO1 TRS B . 2.47 -15.61 4.67
HO2 TRS B . 3.17 -16.89 8.56
HO3 TRS B . 0.08 -18.94 4.35
C10 A1ABA C . 4.09 9.53 11.25
C13 A1ABA C . 6.89 10.12 10.87
C15 A1ABA C . 4.22 16.16 12.39
C02 A1ABA C . 5.28 11.81 14.83
C03 A1ABA C . 4.88 12.50 13.50
C04 A1ABA C . 4.72 13.92 13.47
C05 A1ABA C . 4.35 14.63 12.32
C06 A1ABA C . 4.13 13.92 11.14
C07 A1ABA C . 4.28 12.52 11.13
C08 A1ABA C . 4.63 11.76 12.28
C11 A1ABA C . 4.83 9.41 9.88
C14 A1ABA C . 6.16 9.77 12.19
F16 A1ABA C . 4.19 16.78 11.20
F17 A1ABA C . 5.26 16.73 13.07
F18 A1ABA C . 3.14 16.68 13.00
N09 A1ABA C . 4.80 10.27 12.28
O01 A1ABA C . 4.82 12.55 15.96
O12 A1ABA C . 5.98 10.24 9.79
H102 A1ABA C . 3.06 9.92 11.10
H101 A1ABA C . 3.94 8.49 11.65
H132 A1ABA C . 7.70 9.40 10.64
H131 A1ABA C . 7.39 11.11 10.93
H021 A1ABA C . 4.87 10.77 14.88
H022 A1ABA C . 6.38 11.67 14.90
H041 A1ABA C . 4.90 14.48 14.39
H061 A1ABA C . 3.84 14.45 10.21
H071 A1ABA C . 4.09 12.02 10.17
H111 A1ABA C . 4.14 9.59 9.04
H112 A1ABA C . 5.20 8.38 9.71
H141 A1ABA C . 6.12 8.66 12.29
H142 A1ABA C . 6.77 10.12 13.04
H011 A1ABA C . 4.44 13.13 15.43
#